data_3SYY
#
_entry.id   3SYY
#
_cell.length_a   108.939
_cell.length_b   108.939
_cell.length_c   47.647
_cell.angle_alpha   90.00
_cell.angle_beta   90.00
_cell.angle_gamma   120.00
#
_symmetry.space_group_name_H-M   'P 63'
#
loop_
_entity.id
_entity.type
_entity.pdbx_description
1 polymer Exonuclease
2 non-polymer 'MAGNESIUM ION'
3 water water
#
_entity_poly.entity_id   1
_entity_poly.type   'polypeptide(L)'
_entity_poly.pdbx_seq_one_letter_code
;MEQRTEEWFAARLGKVTASRVADVMTKTKSGYAASRQNYMAELICQRLTGTQEIRFSNAAMQRGTELEPHARARYIIETG
EIVTEVGLIDHPTIAGFGASPDGLVGDTGLIEIKCPNTWTHIETIKTGKPKPEYIKQMQTQMACTGRQWCDFVSYDDRLP
DDMQYFCTRIERDDALIAEIETEVSAFLAELEAEIEYLKRKAAKLAAALEHHHHHH
;
_entity_poly.pdbx_strand_id   A
#
# COMPACT_ATOMS: atom_id res chain seq x y z
N THR A 5 7.67 -11.94 8.36
CA THR A 5 9.00 -11.80 9.01
C THR A 5 8.80 -11.09 10.34
N GLU A 6 9.90 -10.66 10.94
CA GLU A 6 9.91 -9.79 12.10
C GLU A 6 10.56 -8.52 11.62
N GLU A 7 11.34 -8.64 10.55
CA GLU A 7 11.98 -7.49 9.94
C GLU A 7 10.93 -6.77 9.10
N TRP A 8 9.98 -7.53 8.57
CA TRP A 8 8.81 -7.00 7.87
C TRP A 8 8.09 -5.93 8.73
N PHE A 9 7.67 -6.34 9.92
CA PHE A 9 7.02 -5.46 10.87
C PHE A 9 7.92 -4.28 11.26
N ALA A 10 9.18 -4.58 11.57
CA ALA A 10 10.09 -3.56 12.03
C ALA A 10 10.26 -2.43 11.03
N ALA A 11 10.28 -2.77 9.75
CA ALA A 11 10.47 -1.76 8.72
C ALA A 11 9.24 -0.85 8.57
N ARG A 12 8.08 -1.35 9.01
CA ARG A 12 6.80 -0.67 8.85
C ARG A 12 6.33 0.08 10.11
N LEU A 13 6.90 -0.26 11.27
CA LEU A 13 6.47 0.31 12.57
C LEU A 13 6.44 1.84 12.61
N GLY A 14 5.30 2.42 12.97
CA GLY A 14 5.19 3.85 13.06
C GLY A 14 5.13 4.62 11.75
N LYS A 15 5.17 3.93 10.61
CA LYS A 15 5.19 4.64 9.31
C LYS A 15 3.84 4.66 8.64
N VAL A 16 3.55 5.74 7.91
CA VAL A 16 2.47 5.75 6.97
C VAL A 16 2.88 4.84 5.79
N THR A 17 2.01 3.90 5.43
CA THR A 17 2.35 3.03 4.29
C THR A 17 1.39 3.29 3.13
N ALA A 18 1.84 2.94 1.93
CA ALA A 18 1.04 3.17 0.72
C ALA A 18 -0.37 2.52 0.85
N SER A 19 -0.44 1.35 1.47
CA SER A 19 -1.73 0.62 1.58
C SER A 19 -2.74 1.37 2.46
N ARG A 20 -2.29 2.39 3.18
CA ARG A 20 -3.18 3.11 4.09
C ARG A 20 -3.36 4.54 3.69
N VAL A 21 -2.77 4.94 2.57
CA VAL A 21 -2.88 6.33 2.17
C VAL A 21 -4.31 6.76 1.98
N ALA A 22 -5.17 5.86 1.48
CA ALA A 22 -6.56 6.23 1.33
C ALA A 22 -7.22 6.62 2.69
N ASP A 23 -6.83 5.96 3.76
CA ASP A 23 -7.34 6.33 5.10
C ASP A 23 -6.86 7.72 5.53
N VAL A 24 -5.61 8.03 5.19
CA VAL A 24 -5.08 9.37 5.42
C VAL A 24 -5.93 10.43 4.74
N MET A 25 -6.27 10.24 3.46
CA MET A 25 -6.82 11.30 2.63
C MET A 25 -8.34 11.42 2.53
N THR A 26 -9.05 10.44 3.05
CA THR A 26 -10.49 10.39 2.74
C THR A 26 -11.30 11.43 3.51
N LYS A 27 -12.36 11.92 2.86
CA LYS A 27 -13.20 13.00 3.40
C LYS A 27 -14.69 12.67 3.34
N ALA A 33 -12.46 12.48 8.17
CA ALA A 33 -12.96 11.10 8.36
C ALA A 33 -12.49 10.38 9.64
N ALA A 34 -13.29 9.39 10.05
CA ALA A 34 -12.98 8.54 11.18
C ALA A 34 -11.78 7.69 10.83
N SER A 35 -11.70 7.26 9.56
CA SER A 35 -10.57 6.41 9.16
C SER A 35 -9.23 7.15 9.31
N ARG A 36 -9.21 8.46 9.08
CA ARG A 36 -7.94 9.21 9.24
C ARG A 36 -7.52 9.25 10.71
N GLN A 37 -8.47 9.63 11.56
CA GLN A 37 -8.19 9.63 13.00
C GLN A 37 -7.89 8.27 13.58
N ASN A 38 -8.58 7.22 13.12
CA ASN A 38 -8.27 5.86 13.61
C ASN A 38 -6.88 5.40 13.21
N TYR A 39 -6.46 5.71 11.98
CA TYR A 39 -5.10 5.36 11.56
C TYR A 39 -4.08 6.17 12.38
N MET A 40 -4.35 7.46 12.55
CA MET A 40 -3.45 8.32 13.37
C MET A 40 -3.23 7.68 14.76
N ALA A 41 -4.33 7.23 15.40
CA ALA A 41 -4.26 6.58 16.71
C ALA A 41 -3.43 5.31 16.62
N GLU A 42 -3.60 4.54 15.54
CA GLU A 42 -2.82 3.34 15.38
C GLU A 42 -1.31 3.65 15.33
N LEU A 43 -0.95 4.65 14.54
CA LEU A 43 0.49 4.97 14.39
C LEU A 43 1.07 5.61 15.70
N ILE A 44 0.25 6.40 16.39
CA ILE A 44 0.69 6.95 17.73
C ILE A 44 1.04 5.82 18.67
N CYS A 45 0.13 4.84 18.79
CA CYS A 45 0.38 3.73 19.69
C CYS A 45 1.59 2.89 19.25
N GLN A 46 1.78 2.69 17.94
CA GLN A 46 2.97 1.96 17.48
C GLN A 46 4.26 2.68 17.90
N ARG A 47 4.32 3.99 17.69
CA ARG A 47 5.53 4.75 17.99
C ARG A 47 5.78 4.80 19.50
N LEU A 48 4.74 4.96 20.28
CA LEU A 48 4.89 5.02 21.75
C LEU A 48 5.22 3.70 22.39
N THR A 49 4.53 2.63 21.95
CA THR A 49 4.72 1.30 22.55
C THR A 49 5.85 0.48 21.92
N GLY A 50 6.24 0.87 20.70
CA GLY A 50 7.25 0.11 20.00
C GLY A 50 6.79 -1.23 19.45
N THR A 51 5.50 -1.51 19.48
CA THR A 51 4.94 -2.73 18.85
C THR A 51 3.60 -2.41 18.17
N GLN A 52 3.22 -3.28 17.22
CA GLN A 52 1.92 -3.15 16.55
C GLN A 52 0.97 -4.18 17.14
N GLU A 53 -0.34 -3.89 17.09
CA GLU A 53 -1.39 -4.85 17.47
C GLU A 53 -1.53 -5.98 16.43
N ILE A 54 -1.75 -7.22 16.89
CA ILE A 54 -1.93 -8.35 15.96
C ILE A 54 -3.36 -8.41 15.42
N ASN A 58 -8.57 -12.72 8.19
CA ASN A 58 -9.55 -13.80 8.02
C ASN A 58 -9.18 -14.86 6.97
N ALA A 59 -10.07 -15.84 6.76
CA ALA A 59 -9.88 -16.91 5.76
C ALA A 59 -9.54 -16.36 4.36
N ALA A 60 -10.33 -15.37 3.90
CA ALA A 60 -10.14 -14.71 2.60
C ALA A 60 -8.81 -13.94 2.46
N MET A 61 -8.41 -13.23 3.52
CA MET A 61 -7.12 -12.54 3.57
C MET A 61 -5.98 -13.53 3.52
N GLN A 62 -6.06 -14.57 4.33
CA GLN A 62 -5.00 -15.57 4.35
C GLN A 62 -4.90 -16.32 3.01
N ARG A 63 -6.06 -16.72 2.48
CA ARG A 63 -6.14 -17.47 1.22
C ARG A 63 -5.51 -16.58 0.13
N GLY A 64 -5.89 -15.30 0.15
CA GLY A 64 -5.35 -14.27 -0.71
C GLY A 64 -3.84 -14.13 -0.72
N THR A 65 -3.25 -13.98 0.47
CA THR A 65 -1.80 -13.84 0.64
C THR A 65 -1.08 -15.05 0.09
N GLU A 66 -1.66 -16.22 0.33
CA GLU A 66 -1.05 -17.45 -0.14
C GLU A 66 -1.11 -17.62 -1.66
N LEU A 67 -2.12 -17.03 -2.28
CA LEU A 67 -2.25 -17.06 -3.75
C LEU A 67 -1.37 -16.04 -4.49
N GLU A 68 -0.85 -15.05 -3.77
CA GLU A 68 -0.20 -13.96 -4.52
C GLU A 68 1.03 -14.44 -5.38
N PRO A 69 1.80 -15.41 -4.90
CA PRO A 69 2.85 -15.86 -5.83
C PRO A 69 2.35 -16.61 -7.08
N HIS A 70 1.13 -17.13 -7.05
CA HIS A 70 0.53 -17.77 -8.23
C HIS A 70 0.25 -16.63 -9.15
N ALA A 71 -0.39 -15.57 -8.63
CA ALA A 71 -0.72 -14.41 -9.41
C ALA A 71 0.53 -13.78 -10.04
N ARG A 72 1.59 -13.66 -9.24
CA ARG A 72 2.87 -13.11 -9.71
C ARG A 72 3.35 -13.97 -10.92
N ALA A 73 3.31 -15.30 -10.77
CA ALA A 73 3.76 -16.17 -11.85
C ALA A 73 2.88 -15.98 -13.07
N ARG A 74 1.56 -15.98 -12.90
CA ARG A 74 0.64 -15.77 -14.01
C ARG A 74 0.92 -14.47 -14.76
N TYR A 75 1.24 -13.40 -14.02
CA TYR A 75 1.52 -12.12 -14.67
C TYR A 75 2.73 -12.26 -15.61
N ILE A 76 3.82 -12.83 -15.10
CA ILE A 76 5.07 -13.07 -15.93
C ILE A 76 4.75 -14.00 -17.12
N ILE A 77 3.92 -15.00 -16.92
CA ILE A 77 3.47 -15.86 -18.05
C ILE A 77 2.79 -15.02 -19.09
N GLU A 78 1.88 -14.15 -18.65
CA GLU A 78 1.10 -13.34 -19.56
C GLU A 78 1.91 -12.23 -20.24
N THR A 79 2.99 -11.78 -19.62
CA THR A 79 3.61 -10.56 -20.13
C THR A 79 5.06 -10.76 -20.52
N GLY A 80 5.73 -11.73 -19.94
CA GLY A 80 7.17 -11.89 -20.15
C GLY A 80 8.06 -10.87 -19.48
N GLU A 81 7.53 -10.11 -18.51
CA GLU A 81 8.33 -9.05 -17.84
C GLU A 81 9.30 -9.63 -16.83
N ILE A 82 10.43 -8.94 -16.62
CA ILE A 82 11.36 -9.30 -15.55
C ILE A 82 10.84 -8.69 -14.22
N VAL A 83 10.54 -9.54 -13.25
CA VAL A 83 9.97 -9.06 -11.98
C VAL A 83 10.93 -9.32 -10.86
N THR A 84 11.26 -8.30 -10.06
CA THR A 84 12.11 -8.52 -8.88
C THR A 84 11.31 -8.21 -7.61
N GLU A 85 11.46 -9.03 -6.59
CA GLU A 85 10.82 -8.69 -5.35
C GLU A 85 11.59 -7.63 -4.55
N VAL A 86 10.85 -6.90 -3.74
CA VAL A 86 11.38 -5.76 -3.02
C VAL A 86 10.63 -5.70 -1.69
N GLY A 87 11.24 -5.08 -0.67
CA GLY A 87 10.60 -4.96 0.63
C GLY A 87 10.03 -3.57 0.71
N LEU A 88 10.20 -2.92 1.85
CA LEU A 88 9.69 -1.58 2.01
C LEU A 88 10.67 -0.56 1.45
N ILE A 89 10.17 0.32 0.60
CA ILE A 89 10.98 1.38 0.02
C ILE A 89 10.55 2.68 0.67
N ASP A 90 11.48 3.36 1.34
CA ASP A 90 11.16 4.65 1.95
C ASP A 90 10.96 5.77 0.92
N HIS A 91 10.08 6.70 1.21
CA HIS A 91 9.89 7.82 0.32
C HIS A 91 11.24 8.54 0.25
N PRO A 92 11.64 9.00 -0.94
CA PRO A 92 13.00 9.61 -1.04
C PRO A 92 13.25 10.80 -0.06
N THR A 93 12.22 11.60 0.25
CA THR A 93 12.35 12.80 1.09
C THR A 93 11.41 12.98 2.33
N ILE A 94 10.31 12.22 2.36
CA ILE A 94 9.38 12.34 3.49
C ILE A 94 9.67 11.24 4.50
N ALA A 95 10.24 11.62 5.65
CA ALA A 95 10.59 10.62 6.64
C ALA A 95 9.29 10.01 7.22
N GLY A 96 9.36 8.72 7.56
CA GLY A 96 8.25 7.97 8.19
C GLY A 96 7.15 7.56 7.21
N PHE A 97 7.54 7.37 5.95
CA PHE A 97 6.58 7.12 4.85
C PHE A 97 7.24 6.18 3.85
N GLY A 98 6.50 5.14 3.47
CA GLY A 98 7.08 4.14 2.61
C GLY A 98 6.05 3.32 1.87
N ALA A 99 6.55 2.44 0.99
CA ALA A 99 5.63 1.68 0.13
C ALA A 99 6.21 0.32 -0.13
N SER A 100 5.33 -0.68 -0.27
CA SER A 100 5.79 -2.01 -0.47
C SER A 100 5.12 -2.60 -1.74
N PRO A 101 5.65 -2.26 -2.93
CA PRO A 101 4.99 -2.86 -4.11
C PRO A 101 5.21 -4.38 -4.11
N ASP A 102 4.34 -5.11 -4.82
CA ASP A 102 4.49 -6.55 -4.95
C ASP A 102 5.58 -6.97 -5.96
N GLY A 103 6.14 -6.02 -6.69
CA GLY A 103 7.34 -6.34 -7.51
C GLY A 103 7.83 -5.12 -8.25
N LEU A 104 9.13 -5.07 -8.51
CA LEU A 104 9.68 -4.12 -9.51
C LEU A 104 9.64 -4.78 -10.87
N VAL A 105 9.10 -4.08 -11.85
CA VAL A 105 8.93 -4.65 -13.19
C VAL A 105 9.84 -3.85 -14.13
N GLY A 106 10.75 -4.55 -14.80
CA GLY A 106 11.65 -3.87 -15.73
C GLY A 106 12.47 -2.82 -15.00
N ASP A 107 12.72 -1.72 -15.70
CA ASP A 107 13.49 -0.59 -15.14
C ASP A 107 12.54 0.46 -14.58
N THR A 108 11.36 0.56 -15.16
CA THR A 108 10.50 1.69 -14.82
C THR A 108 9.10 1.32 -14.28
N GLY A 109 8.80 0.04 -14.08
CA GLY A 109 7.42 -0.32 -13.70
C GLY A 109 7.29 -1.02 -12.37
N LEU A 110 6.05 -1.38 -12.02
CA LEU A 110 5.77 -1.98 -10.73
C LEU A 110 4.62 -2.95 -10.97
N ILE A 111 4.38 -3.85 -10.03
CA ILE A 111 3.14 -4.65 -10.04
C ILE A 111 2.54 -4.55 -8.63
N GLU A 112 1.22 -4.41 -8.56
CA GLU A 112 0.47 -4.52 -7.27
C GLU A 112 -0.57 -5.61 -7.55
N ILE A 113 -0.56 -6.65 -6.73
CA ILE A 113 -1.42 -7.82 -6.91
C ILE A 113 -2.56 -7.86 -5.86
N LYS A 114 -3.79 -8.10 -6.33
CA LYS A 114 -4.89 -8.43 -5.42
C LYS A 114 -5.36 -9.86 -5.70
N CYS A 115 -5.64 -10.61 -4.63
CA CYS A 115 -6.30 -11.91 -4.75
C CYS A 115 -7.51 -11.94 -3.82
N PRO A 116 -8.61 -11.34 -4.26
CA PRO A 116 -9.69 -11.05 -3.42
C PRO A 116 -10.78 -12.11 -3.51
N ASN A 117 -11.95 -11.78 -2.93
CA ASN A 117 -13.12 -12.64 -3.07
C ASN A 117 -13.51 -12.67 -4.54
N THR A 118 -14.20 -13.73 -4.93
CA THR A 118 -14.47 -13.96 -6.37
C THR A 118 -15.27 -12.83 -6.90
N TRP A 119 -16.31 -12.42 -6.16
CA TRP A 119 -17.16 -11.32 -6.66
C TRP A 119 -16.43 -9.97 -6.81
N THR A 120 -15.50 -9.69 -5.90
CA THR A 120 -14.71 -8.47 -6.03
C THR A 120 -13.87 -8.53 -7.32
N HIS A 121 -13.34 -9.71 -7.60
CA HIS A 121 -12.53 -9.90 -8.82
C HIS A 121 -13.41 -9.67 -10.06
N ILE A 122 -14.62 -10.26 -10.03
CA ILE A 122 -15.60 -10.11 -11.11
C ILE A 122 -16.00 -8.67 -11.29
N GLU A 123 -16.19 -7.94 -10.18
CA GLU A 123 -16.54 -6.54 -10.34
C GLU A 123 -15.38 -5.76 -10.94
N THR A 124 -14.14 -6.14 -10.64
CA THR A 124 -12.96 -5.48 -11.27
C THR A 124 -12.98 -5.73 -12.80
N ILE A 125 -13.26 -6.98 -13.20
CA ILE A 125 -13.36 -7.27 -14.65
C ILE A 125 -14.45 -6.43 -15.30
N LYS A 126 -15.63 -6.35 -14.67
CA LYS A 126 -16.75 -5.52 -15.15
C LYS A 126 -16.39 -4.04 -15.34
N THR A 127 -15.77 -3.41 -14.36
CA THR A 127 -15.54 -1.99 -14.49
C THR A 127 -14.25 -1.69 -15.21
N GLY A 128 -13.30 -2.63 -15.21
CA GLY A 128 -11.97 -2.41 -15.73
C GLY A 128 -11.03 -1.50 -14.95
N LYS A 129 -11.41 -1.10 -13.73
CA LYS A 129 -10.71 -0.04 -12.99
C LYS A 129 -10.44 -0.49 -11.56
N PRO A 130 -9.24 -0.21 -11.05
CA PRO A 130 -8.98 -0.55 -9.64
C PRO A 130 -9.78 0.43 -8.74
N LYS A 131 -10.19 0.02 -7.54
CA LYS A 131 -10.85 0.93 -6.55
C LYS A 131 -10.01 2.20 -6.37
N PRO A 132 -10.66 3.38 -6.12
CA PRO A 132 -9.85 4.58 -5.85
C PRO A 132 -8.77 4.42 -4.75
N GLU A 133 -9.05 3.66 -3.68
CA GLU A 133 -8.04 3.46 -2.62
C GLU A 133 -6.78 2.79 -3.19
N TYR A 134 -6.95 1.94 -4.22
CA TYR A 134 -5.79 1.27 -4.78
C TYR A 134 -5.06 2.14 -5.78
N ILE A 135 -5.78 3.05 -6.45
CA ILE A 135 -5.11 4.11 -7.23
C ILE A 135 -4.16 4.93 -6.27
N LYS A 136 -4.66 5.28 -5.09
CA LYS A 136 -3.82 6.01 -4.14
C LYS A 136 -2.63 5.19 -3.69
N GLN A 137 -2.84 3.91 -3.44
CA GLN A 137 -1.77 3.01 -3.06
C GLN A 137 -0.68 2.97 -4.15
N MET A 138 -1.11 2.79 -5.39
CA MET A 138 -0.16 2.65 -6.48
C MET A 138 0.54 3.96 -6.83
N GLN A 139 -0.17 5.07 -6.75
CA GLN A 139 0.51 6.38 -6.99
C GLN A 139 1.56 6.59 -5.92
N THR A 140 1.26 6.19 -4.67
CA THR A 140 2.22 6.28 -3.59
C THR A 140 3.41 5.38 -3.79
N GLN A 141 3.17 4.17 -4.29
CA GLN A 141 4.28 3.27 -4.58
C GLN A 141 5.22 3.90 -5.65
N MET A 142 4.61 4.55 -6.64
CA MET A 142 5.36 5.31 -7.68
C MET A 142 6.12 6.51 -7.07
N ALA A 143 5.45 7.23 -6.17
CA ALA A 143 6.08 8.31 -5.37
C ALA A 143 7.31 7.84 -4.65
N CYS A 144 7.20 6.72 -3.95
CA CYS A 144 8.34 6.21 -3.19
C CYS A 144 9.50 5.66 -4.00
N THR A 145 9.21 5.08 -5.17
CA THR A 145 10.22 4.38 -5.91
C THR A 145 10.75 5.18 -7.07
N GLY A 146 10.05 6.23 -7.47
CA GLY A 146 10.42 6.96 -8.68
C GLY A 146 9.96 6.27 -9.97
N ARG A 147 9.13 5.23 -9.86
CA ARG A 147 8.71 4.52 -11.08
C ARG A 147 7.62 5.22 -11.83
N GLN A 148 7.43 4.75 -13.08
CA GLN A 148 6.63 5.47 -14.07
C GLN A 148 5.22 4.86 -14.30
N TRP A 149 5.03 3.59 -13.97
CA TRP A 149 3.68 2.96 -14.03
C TRP A 149 3.63 1.77 -13.10
N CYS A 150 2.42 1.26 -12.88
CA CYS A 150 2.23 0.06 -12.05
C CYS A 150 1.12 -0.72 -12.72
N ASP A 151 1.38 -1.99 -12.96
CA ASP A 151 0.37 -2.88 -13.52
C ASP A 151 -0.43 -3.43 -12.31
N PHE A 152 -1.71 -3.18 -12.31
CA PHE A 152 -2.57 -3.67 -11.26
C PHE A 152 -3.10 -5.03 -11.71
N VAL A 153 -2.82 -6.08 -10.95
CA VAL A 153 -3.26 -7.44 -11.31
C VAL A 153 -4.30 -7.85 -10.27
N SER A 154 -5.47 -8.33 -10.74
CA SER A 154 -6.39 -9.09 -9.87
C SER A 154 -6.43 -10.55 -10.34
N TYR A 155 -6.37 -11.51 -9.42
CA TYR A 155 -6.28 -12.93 -9.78
C TYR A 155 -7.17 -13.80 -8.91
N ASP A 156 -7.94 -14.66 -9.56
CA ASP A 156 -8.71 -15.66 -8.81
C ASP A 156 -8.73 -16.98 -9.57
N ASP A 157 -8.03 -17.96 -9.05
CA ASP A 157 -7.95 -19.25 -9.68
C ASP A 157 -9.20 -20.11 -9.54
N ARG A 158 -10.22 -19.64 -8.80
CA ARG A 158 -11.44 -20.48 -8.68
C ARG A 158 -12.31 -20.40 -9.93
N LEU A 159 -12.06 -19.39 -10.77
CA LEU A 159 -12.91 -19.07 -11.90
C LEU A 159 -12.47 -19.87 -13.14
N PRO A 160 -13.30 -19.90 -14.20
CA PRO A 160 -12.83 -20.49 -15.49
C PRO A 160 -11.56 -19.76 -15.95
N ASP A 161 -10.73 -20.45 -16.76
CA ASP A 161 -9.45 -19.90 -17.19
C ASP A 161 -9.55 -18.49 -17.76
N ASP A 162 -10.56 -18.23 -18.59
CA ASP A 162 -10.59 -16.95 -19.27
C ASP A 162 -11.11 -15.82 -18.36
N MET A 163 -11.36 -16.12 -17.07
CA MET A 163 -11.75 -15.07 -16.10
C MET A 163 -10.82 -14.95 -14.89
N GLN A 164 -9.76 -15.75 -14.83
CA GLN A 164 -8.92 -15.84 -13.66
C GLN A 164 -8.02 -14.60 -13.52
N TYR A 165 -7.62 -14.02 -14.67
CA TYR A 165 -6.54 -13.03 -14.69
C TYR A 165 -6.95 -11.70 -15.26
N PHE A 166 -6.69 -10.62 -14.49
CA PHE A 166 -7.02 -9.28 -14.95
C PHE A 166 -5.82 -8.39 -14.68
N CYS A 167 -5.49 -7.54 -15.64
CA CYS A 167 -4.37 -6.63 -15.45
C CYS A 167 -4.65 -5.35 -16.21
N THR A 168 -4.36 -4.22 -15.56
CA THR A 168 -4.50 -2.90 -16.24
C THR A 168 -3.37 -1.98 -15.74
N ARG A 169 -2.89 -1.09 -16.61
CA ARG A 169 -1.72 -0.28 -16.28
C ARG A 169 -2.13 1.07 -15.77
N ILE A 170 -1.52 1.46 -14.65
CA ILE A 170 -1.83 2.77 -14.08
C ILE A 170 -0.56 3.60 -14.21
N GLU A 171 -0.64 4.66 -15.01
CA GLU A 171 0.52 5.53 -15.27
C GLU A 171 0.72 6.48 -14.10
N ARG A 172 1.97 6.76 -13.74
CA ARG A 172 2.32 7.84 -12.77
C ARG A 172 1.51 9.13 -12.98
N ASP A 173 0.86 9.63 -11.92
CA ASP A 173 0.13 10.90 -11.97
C ASP A 173 0.83 11.88 -10.99
N ASP A 174 1.64 12.78 -11.53
CA ASP A 174 2.39 13.73 -10.70
C ASP A 174 1.51 14.70 -9.90
N ALA A 175 0.37 15.10 -10.44
CA ALA A 175 -0.56 15.92 -9.67
C ALA A 175 -1.12 15.20 -8.46
N LEU A 176 -1.53 13.94 -8.64
CA LEU A 176 -2.08 13.18 -7.52
C LEU A 176 -0.99 12.89 -6.51
N ILE A 177 0.19 12.51 -7.00
CA ILE A 177 1.32 12.32 -6.13
C ILE A 177 1.62 13.60 -5.29
N ALA A 178 1.56 14.79 -5.88
CA ALA A 178 1.92 16.00 -5.11
C ALA A 178 0.88 16.19 -4.00
N GLU A 179 -0.38 15.95 -4.34
CA GLU A 179 -1.48 16.05 -3.39
C GLU A 179 -1.38 15.01 -2.25
N ILE A 180 -1.03 13.77 -2.59
CA ILE A 180 -0.76 12.71 -1.60
C ILE A 180 0.37 13.15 -0.65
N GLU A 181 1.45 13.65 -1.23
CA GLU A 181 2.61 13.98 -0.43
C GLU A 181 2.24 15.16 0.51
N THR A 182 1.42 16.09 0.05
CA THR A 182 0.98 17.21 0.89
C THR A 182 0.20 16.70 2.08
N GLU A 183 -0.82 15.89 1.80
CA GLU A 183 -1.66 15.27 2.86
C GLU A 183 -0.90 14.42 3.80
N VAL A 184 0.00 13.61 3.28
CA VAL A 184 0.75 12.69 4.14
C VAL A 184 1.76 13.47 5.02
N SER A 185 2.39 14.49 4.44
CA SER A 185 3.19 15.44 5.23
C SER A 185 2.42 16.08 6.39
N ALA A 186 1.21 16.57 6.13
CA ALA A 186 0.38 17.19 7.15
C ALA A 186 0.00 16.19 8.24
N PHE A 187 -0.38 14.98 7.80
CA PHE A 187 -0.69 13.90 8.72
C PHE A 187 0.49 13.49 9.56
N LEU A 188 1.67 13.39 8.96
CA LEU A 188 2.85 13.03 9.73
C LEU A 188 3.22 14.16 10.73
N ALA A 189 2.94 15.40 10.36
CA ALA A 189 3.26 16.54 11.25
C ALA A 189 2.41 16.45 12.52
N GLU A 190 1.12 16.14 12.36
CA GLU A 190 0.17 15.99 13.46
C GLU A 190 0.49 14.82 14.32
N LEU A 191 0.82 13.70 13.69
CA LEU A 191 1.30 12.51 14.39
C LEU A 191 2.53 12.78 15.28
N GLU A 192 3.56 13.38 14.72
CA GLU A 192 4.76 13.65 15.49
C GLU A 192 4.55 14.68 16.63
N ALA A 193 3.75 15.70 16.36
CA ALA A 193 3.38 16.68 17.38
C ALA A 193 2.57 16.02 18.49
N GLU A 194 1.66 15.13 18.13
CA GLU A 194 0.87 14.50 19.15
C GLU A 194 1.73 13.68 20.11
N ILE A 195 2.69 12.94 19.55
CA ILE A 195 3.63 12.17 20.30
C ILE A 195 4.50 13.08 21.21
N GLU A 196 4.97 14.18 20.62
CA GLU A 196 5.77 15.16 21.39
C GLU A 196 4.96 15.74 22.55
N TYR A 197 3.73 16.13 22.25
CA TYR A 197 2.79 16.67 23.22
C TYR A 197 2.49 15.73 24.36
N LEU A 198 2.13 14.49 24.04
CA LEU A 198 1.88 13.48 25.08
C LEU A 198 3.12 13.28 25.95
N LYS A 199 4.26 13.19 25.30
CA LYS A 199 5.51 12.92 26.02
C LYS A 199 5.89 14.08 27.00
N ARG A 200 5.78 15.31 26.52
CA ARG A 200 6.08 16.53 27.31
C ARG A 200 5.17 16.62 28.52
N LYS A 201 3.88 16.35 28.31
CA LYS A 201 2.92 16.29 29.42
C LYS A 201 3.25 15.25 30.43
N ALA A 202 3.53 14.00 29.99
CA ALA A 202 3.85 12.94 30.91
C ALA A 202 5.15 13.25 31.68
N ALA A 203 6.14 13.79 30.97
CA ALA A 203 7.45 14.09 31.55
C ALA A 203 7.33 15.20 32.64
N LYS A 204 6.62 16.26 32.32
CA LYS A 204 6.37 17.32 33.27
C LYS A 204 5.67 16.77 34.50
N LEU A 205 4.61 15.98 34.27
CA LEU A 205 3.87 15.33 35.35
C LEU A 205 4.73 14.48 36.28
N ALA A 206 5.66 13.71 35.71
CA ALA A 206 6.47 12.79 36.51
C ALA A 206 7.58 13.50 37.31
#